data_6IC0
#
_entry.id   6IC0
#
_cell.length_a   101.942
_cell.length_b   101.942
_cell.length_c   251.653
_cell.angle_alpha   90.000
_cell.angle_beta   90.000
_cell.angle_gamma   120.000
#
_symmetry.space_group_name_H-M   'P 65 2 2'
#
loop_
_entity.id
_entity.type
_entity.pdbx_description
1 polymer '6-phosphofructo-2-kinase/fructose-2,6-bisphosphatase 3'
2 non-polymer 3-[[8-(1-methylindol-6-yl)quinoxalin-6-yl]amino]-~{N}-pyrimidin-5-yl-pyridine-4-carboxamide
3 non-polymer 'PYROPHOSPHATE 2-'
4 non-polymer 'CITRATE ANION'
5 non-polymer 6-O-phosphono-beta-D-fructofuranose
6 non-polymer 'DIMETHYL SULFOXIDE'
7 water water
#
_entity_poly.entity_id   1
_entity_poly.type   'polypeptide(L)'
_entity_poly.pdbx_seq_one_letter_code
;ELTQSRVQKIWVPVNSPTVIVMVGLPARGKTYISKKLTRYLNWIGVPTKVFNVGEYRREAVKQYSSYNFFRPDNEEAMKV
RKQCALAALRDVKSYLAKEGGQIAVFDATNTTRERRHMILHFAKENDFKAFFIESVCDDPTVVASNIMEVKISSPDYKDC
NSAEAMDDFMKRISCYEASYQPLDPDKCDRDLSLIKVIDVGRRFLVNRVQDHIQSRIVYYLMNIHVQPRTIYLCRHGENE
HNLQGRIGGDSGLSSRGKKFASALSKFVEEQNLKDLRVWTSQLKSTIQTAEALRLPYEQWKALNEIDAGVCEELTYEEIR
DTYPEEYALREQDKYYYRYPTGESYQDLVQRLEPVIMELERQENVLVICHQAVLRCLLAYFLDKSAEEMPYLKCPLHTVL
KLTPVAYGCRVESIYLNVESVCTHRERS
;
_entity_poly.pdbx_strand_id   A
#
loop_
_chem_comp.id
_chem_comp.type
_chem_comp.name
_chem_comp.formula
DMS non-polymer 'DIMETHYL SULFOXIDE' 'C2 H6 O S'
F6P D-saccharide, beta linking 6-O-phosphono-beta-D-fructofuranose 'C6 H13 O9 P'
FLC non-polymer 'CITRATE ANION' 'C6 H5 O7 -3'
HAK non-polymer 3-[[8-(1-methylindol-6-yl)quinoxalin-6-yl]amino]-~{N}-pyrimidin-5-yl-pyridine-4-carboxamide 'C27 H20 N8 O'
POP non-polymer 'PYROPHOSPHATE 2-' 'H2 O7 P2 -2'
#
# COMPACT_ATOMS: atom_id res chain seq x y z
N GLU A 1 -31.06 -21.08 -15.40
CA GLU A 1 -31.24 -21.34 -13.94
C GLU A 1 -29.92 -21.27 -13.15
N LEU A 2 -29.98 -20.53 -12.04
CA LEU A 2 -28.79 -20.23 -11.27
C LEU A 2 -28.95 -20.48 -9.75
N THR A 3 -27.82 -20.56 -9.07
CA THR A 3 -27.76 -20.67 -7.60
C THR A 3 -26.82 -19.57 -7.04
N GLN A 4 -27.23 -19.02 -5.92
CA GLN A 4 -26.40 -18.05 -5.26
C GLN A 4 -25.34 -18.71 -4.38
N SER A 5 -24.06 -18.36 -4.58
CA SER A 5 -23.01 -18.74 -3.63
C SER A 5 -23.37 -18.14 -2.26
N ARG A 6 -23.03 -18.89 -1.22
CA ARG A 6 -23.61 -18.62 0.07
C ARG A 6 -22.80 -17.58 0.80
N VAL A 7 -21.49 -17.53 0.54
CA VAL A 7 -20.59 -16.53 1.14
C VAL A 7 -20.69 -15.15 0.44
N GLN A 8 -20.34 -15.13 -0.84
CA GLN A 8 -20.23 -13.87 -1.58
C GLN A 8 -21.56 -13.41 -2.21
N LYS A 9 -22.60 -14.25 -2.13
CA LYS A 9 -23.89 -13.95 -2.77
C LYS A 9 -23.75 -13.70 -4.30
N ILE A 10 -22.88 -14.45 -4.99
CA ILE A 10 -22.76 -14.41 -6.47
C ILE A 10 -23.59 -15.52 -7.12
N TRP A 11 -24.54 -15.16 -8.00
CA TRP A 11 -25.24 -16.17 -8.79
C TRP A 11 -24.30 -16.83 -9.83
N VAL A 12 -24.29 -18.16 -9.85
CA VAL A 12 -23.57 -18.95 -10.88
C VAL A 12 -24.53 -20.04 -11.41
N PRO A 13 -24.21 -20.66 -12.58
CA PRO A 13 -25.09 -21.72 -13.21
C PRO A 13 -25.16 -23.04 -12.41
N VAL A 14 -26.32 -23.72 -12.32
CA VAL A 14 -26.51 -24.81 -11.30
C VAL A 14 -25.56 -26.01 -11.43
N ASN A 15 -6.08 -13.15 -19.55
CA ASN A 15 -5.34 -11.88 -19.73
C ASN A 15 -3.95 -11.86 -19.05
N SER A 16 -2.90 -11.69 -19.86
CA SER A 16 -1.49 -11.92 -19.46
C SER A 16 -0.99 -11.23 -18.18
N PRO A 17 -0.25 -11.98 -17.36
CA PRO A 17 0.43 -11.36 -16.23
C PRO A 17 1.63 -10.55 -16.66
N THR A 18 2.17 -9.79 -15.73
CA THR A 18 3.15 -8.76 -16.11
C THR A 18 4.40 -8.77 -15.30
N VAL A 19 5.53 -8.54 -15.97
CA VAL A 19 6.79 -8.26 -15.30
C VAL A 19 7.01 -6.72 -15.36
N ILE A 20 6.83 -6.08 -14.22
CA ILE A 20 7.28 -4.73 -14.05
C ILE A 20 8.80 -4.73 -13.81
N VAL A 21 9.55 -4.10 -14.72
CA VAL A 21 11.01 -4.06 -14.63
C VAL A 21 11.51 -2.72 -14.13
N MET A 22 12.04 -2.68 -12.90
CA MET A 22 12.56 -1.41 -12.39
C MET A 22 13.85 -1.08 -13.13
N VAL A 23 14.16 0.19 -13.26
CA VAL A 23 15.39 0.57 -13.96
C VAL A 23 15.99 1.81 -13.34
N GLY A 24 17.31 1.78 -13.09
CA GLY A 24 18.01 2.97 -12.69
C GLY A 24 19.14 2.70 -11.75
N LEU A 25 19.94 3.75 -11.58
CA LEU A 25 21.07 3.72 -10.72
C LEU A 25 20.62 3.49 -9.27
N PRO A 26 21.52 2.99 -8.43
CA PRO A 26 21.16 2.82 -7.03
C PRO A 26 20.85 4.14 -6.31
N ALA A 27 20.03 4.02 -5.26
CA ALA A 27 19.59 5.16 -4.48
C ALA A 27 18.76 6.09 -5.32
N ARG A 28 17.89 5.51 -6.15
CA ARG A 28 16.94 6.32 -6.93
C ARG A 28 15.49 6.01 -6.58
N GLY A 29 15.25 5.40 -5.41
CA GLY A 29 13.92 5.11 -4.97
C GLY A 29 13.22 3.95 -5.66
N LYS A 30 13.96 3.14 -6.39
CA LYS A 30 13.34 2.02 -7.07
C LYS A 30 12.66 1.04 -6.13
N THR A 31 13.35 0.72 -5.05
CA THR A 31 12.80 -0.22 -4.07
C THR A 31 11.61 0.37 -3.31
N TYR A 32 11.74 1.65 -2.99
CA TYR A 32 10.69 2.40 -2.34
C TYR A 32 9.45 2.31 -3.18
N ILE A 33 9.59 2.65 -4.46
CA ILE A 33 8.48 2.58 -5.39
C ILE A 33 7.95 1.17 -5.59
N SER A 34 8.81 0.19 -5.71
CA SER A 34 8.39 -1.19 -5.87
C SER A 34 7.46 -1.63 -4.75
N LYS A 35 7.89 -1.40 -3.50
CA LYS A 35 7.14 -1.80 -2.32
C LYS A 35 5.82 -1.05 -2.29
N LYS A 36 5.87 0.22 -2.63
CA LYS A 36 4.71 1.03 -2.50
C LYS A 36 3.64 0.60 -3.53
N LEU A 37 4.09 0.42 -4.77
CA LEU A 37 3.23 -0.06 -5.82
C LEU A 37 2.60 -1.36 -5.44
N THR A 38 3.42 -2.25 -4.92
CA THR A 38 2.99 -3.62 -4.61
C THR A 38 1.96 -3.57 -3.51
N ARG A 39 2.11 -2.64 -2.59
CA ARG A 39 1.20 -2.50 -1.45
C ARG A 39 -0.17 -2.07 -1.97
N TYR A 40 -0.19 -1.07 -2.86
CA TYR A 40 -1.40 -0.63 -3.51
C TYR A 40 -2.02 -1.76 -4.32
N LEU A 41 -1.24 -2.44 -5.15
CA LEU A 41 -1.87 -3.41 -6.06
C LEU A 41 -2.53 -4.58 -5.33
N ASN A 42 -1.85 -5.11 -4.34
CA ASN A 42 -2.44 -6.18 -3.56
C ASN A 42 -3.71 -5.72 -2.85
N TRP A 43 -3.75 -4.48 -2.38
CA TRP A 43 -4.91 -4.05 -1.62
C TRP A 43 -6.14 -3.92 -2.53
N ILE A 44 -5.97 -3.44 -3.77
CA ILE A 44 -7.10 -3.41 -4.73
C ILE A 44 -7.36 -4.77 -5.34
N GLY A 45 -6.73 -5.82 -4.82
CA GLY A 45 -7.02 -7.19 -5.27
C GLY A 45 -6.15 -7.77 -6.36
N VAL A 46 -5.17 -7.04 -6.88
CA VAL A 46 -4.22 -7.59 -7.88
C VAL A 46 -2.97 -8.18 -7.22
N PRO A 47 -2.89 -9.54 -7.16
CA PRO A 47 -1.78 -10.20 -6.47
C PRO A 47 -0.42 -9.87 -7.10
N THR A 48 0.42 -9.26 -6.29
CA THR A 48 1.66 -8.71 -6.78
C THR A 48 2.73 -9.08 -5.79
N LYS A 49 3.93 -9.39 -6.26
CA LYS A 49 5.06 -9.69 -5.38
C LYS A 49 6.38 -9.04 -5.83
N VAL A 50 7.15 -8.48 -4.90
CA VAL A 50 8.46 -7.94 -5.22
C VAL A 50 9.58 -9.00 -5.32
N PHE A 51 10.38 -8.95 -6.37
CA PHE A 51 11.60 -9.78 -6.45
C PHE A 51 12.81 -8.84 -6.55
N ASN A 52 13.35 -8.48 -5.38
CA ASN A 52 14.59 -7.73 -5.18
C ASN A 52 15.83 -8.61 -5.43
N VAL A 53 16.53 -8.39 -6.54
CA VAL A 53 17.66 -9.24 -6.91
C VAL A 53 18.74 -9.16 -5.83
N GLY A 54 18.95 -7.95 -5.30
CA GLY A 54 19.81 -7.73 -4.15
C GLY A 54 19.54 -8.61 -2.94
N GLU A 55 18.29 -8.97 -2.69
CA GLU A 55 17.99 -9.88 -1.58
C GLU A 55 18.50 -11.29 -1.91
N TYR A 56 18.50 -11.63 -3.19
CA TYR A 56 19.08 -12.87 -3.62
C TYR A 56 20.62 -12.83 -3.50
N ARG A 57 21.25 -11.72 -3.83
CA ARG A 57 22.66 -11.67 -3.61
C ARG A 57 22.98 -11.75 -2.12
N ARG A 58 22.28 -11.00 -1.28
CA ARG A 58 22.59 -11.01 0.17
C ARG A 58 22.58 -12.44 0.71
N GLU A 59 21.78 -13.29 0.10
CA GLU A 59 21.50 -14.57 0.64
C GLU A 59 22.42 -15.64 -0.01
N ALA A 60 23.27 -15.22 -0.94
CA ALA A 60 24.14 -16.14 -1.64
C ALA A 60 25.63 -15.88 -1.34
N VAL A 61 25.95 -14.67 -0.90
CA VAL A 61 27.27 -14.23 -0.58
C VAL A 61 27.34 -13.93 0.90
N LYS A 62 28.47 -14.33 1.50
CA LYS A 62 28.69 -14.24 2.94
C LYS A 62 28.13 -12.96 3.54
N GLN A 63 29.04 -12.05 3.85
CA GLN A 63 28.69 -10.74 4.27
C GLN A 63 29.11 -9.91 3.07
N TYR A 64 28.72 -8.65 3.11
CA TYR A 64 29.09 -7.62 2.17
C TYR A 64 30.24 -6.87 2.80
N SER A 65 31.39 -6.87 2.14
CA SER A 65 32.53 -6.14 2.70
C SER A 65 32.61 -4.73 2.17
N SER A 66 32.43 -4.56 0.85
CA SER A 66 32.55 -3.22 0.25
C SER A 66 32.09 -3.09 -1.19
N TYR A 67 32.16 -1.87 -1.70
CA TYR A 67 31.75 -1.62 -3.08
C TYR A 67 32.56 -2.35 -4.16
N ASN A 68 33.77 -2.84 -3.83
CA ASN A 68 34.53 -3.57 -4.86
C ASN A 68 33.71 -4.75 -5.33
N PHE A 69 32.76 -5.20 -4.53
CA PHE A 69 31.87 -6.24 -5.02
C PHE A 69 31.13 -5.86 -6.33
N PHE A 70 30.80 -4.58 -6.48
CA PHE A 70 30.04 -4.09 -7.65
C PHE A 70 30.86 -3.52 -8.82
N ARG A 71 32.17 -3.73 -8.80
CA ARG A 71 33.03 -3.17 -9.80
C ARG A 71 32.75 -3.85 -11.10
N PRO A 72 32.73 -3.09 -12.18
CA PRO A 72 32.49 -3.76 -13.46
C PRO A 72 33.59 -4.78 -13.82
N ASP A 73 34.85 -4.60 -13.36
CA ASP A 73 35.93 -5.60 -13.65
C ASP A 73 35.89 -6.85 -12.75
N ASN A 74 34.96 -6.89 -11.81
CA ASN A 74 34.82 -8.04 -10.90
C ASN A 74 34.19 -9.26 -11.55
N GLU A 75 34.96 -10.04 -12.30
CA GLU A 75 34.42 -11.22 -13.02
C GLU A 75 33.60 -12.17 -12.13
N GLU A 76 34.08 -12.43 -10.92
CA GLU A 76 33.38 -13.39 -10.07
C GLU A 76 32.03 -12.82 -9.57
N ALA A 77 32.03 -11.54 -9.16
CA ALA A 77 30.81 -10.93 -8.66
C ALA A 77 29.75 -10.86 -9.79
N MET A 78 30.18 -10.50 -10.99
CA MET A 78 29.31 -10.50 -12.14
C MET A 78 28.68 -11.87 -12.35
N LYS A 79 29.46 -12.95 -12.26
CA LYS A 79 28.90 -14.31 -12.36
C LYS A 79 27.77 -14.48 -11.32
N VAL A 80 28.02 -14.00 -10.12
CA VAL A 80 27.09 -14.18 -9.03
C VAL A 80 25.83 -13.32 -9.22
N ARG A 81 26.02 -12.04 -9.44
CA ARG A 81 24.95 -11.13 -9.81
C ARG A 81 24.04 -11.73 -10.91
N LYS A 82 24.64 -12.15 -12.02
CA LYS A 82 23.89 -12.77 -13.10
C LYS A 82 23.12 -14.02 -12.64
N GLN A 83 23.73 -14.85 -11.81
CA GLN A 83 23.04 -16.03 -11.29
C GLN A 83 21.88 -15.65 -10.36
N CYS A 84 22.01 -14.55 -9.63
CA CYS A 84 20.93 -14.06 -8.81
C CYS A 84 19.75 -13.53 -9.67
N ALA A 85 20.07 -12.74 -10.70
CA ALA A 85 19.09 -12.34 -11.69
C ALA A 85 18.32 -13.53 -12.25
N LEU A 86 18.99 -14.62 -12.61
CA LEU A 86 18.23 -15.75 -13.20
C LEU A 86 17.42 -16.54 -12.17
N ALA A 87 17.89 -16.62 -10.93
CA ALA A 87 17.12 -17.29 -9.90
C ALA A 87 15.84 -16.47 -9.68
N ALA A 88 16.01 -15.19 -9.39
CA ALA A 88 14.91 -14.27 -9.28
C ALA A 88 13.89 -14.48 -10.42
N LEU A 89 14.38 -14.48 -11.65
CA LEU A 89 13.52 -14.71 -12.78
C LEU A 89 12.85 -16.06 -12.78
N ARG A 90 13.52 -17.07 -12.26
CA ARG A 90 12.94 -18.40 -12.20
C ARG A 90 11.73 -18.33 -11.28
N ASP A 91 11.95 -17.73 -10.11
CA ASP A 91 10.86 -17.46 -9.16
C ASP A 91 9.73 -16.58 -9.68
N VAL A 92 10.05 -15.68 -10.60
CA VAL A 92 9.05 -14.84 -11.25
C VAL A 92 8.12 -15.71 -12.09
N LYS A 93 8.74 -16.54 -12.93
CA LYS A 93 8.02 -17.51 -13.76
C LYS A 93 7.08 -18.38 -12.96
N SER A 94 7.55 -18.82 -11.82
CA SER A 94 6.82 -19.76 -11.05
C SER A 94 5.66 -18.97 -10.39
N TYR A 95 5.98 -17.81 -9.81
CA TYR A 95 4.94 -16.95 -9.22
C TYR A 95 3.79 -16.67 -10.19
N LEU A 96 4.13 -16.29 -11.42
CA LEU A 96 3.14 -15.82 -12.37
C LEU A 96 2.49 -16.95 -13.14
N ALA A 97 3.17 -18.05 -13.35
CA ALA A 97 2.59 -19.11 -14.20
C ALA A 97 1.92 -20.18 -13.35
N LYS A 98 2.43 -20.42 -12.15
CA LYS A 98 2.03 -21.57 -11.33
C LYS A 98 1.38 -21.18 -10.01
N GLU A 99 1.67 -20.02 -9.45
CA GLU A 99 1.18 -19.70 -8.13
C GLU A 99 0.05 -18.67 -8.08
N GLY A 100 -0.46 -18.23 -9.23
CA GLY A 100 -1.52 -17.21 -9.21
C GLY A 100 -1.16 -15.73 -9.14
N GLY A 101 0.11 -15.37 -9.27
CA GLY A 101 0.45 -13.95 -9.29
C GLY A 101 0.01 -13.33 -10.61
N GLN A 102 -0.34 -12.03 -10.61
CA GLN A 102 -0.65 -11.31 -11.86
C GLN A 102 0.47 -10.37 -12.22
N ILE A 103 1.07 -9.73 -11.19
CA ILE A 103 2.18 -8.80 -11.39
C ILE A 103 3.41 -9.19 -10.56
N ALA A 104 4.57 -9.24 -11.20
CA ALA A 104 5.85 -9.39 -10.50
C ALA A 104 6.72 -8.19 -10.76
N VAL A 105 7.17 -7.57 -9.68
CA VAL A 105 8.07 -6.41 -9.77
C VAL A 105 9.52 -6.89 -9.68
N PHE A 106 10.22 -6.82 -10.79
CA PHE A 106 11.63 -7.24 -10.84
C PHE A 106 12.48 -6.05 -10.42
N ASP A 107 12.72 -5.95 -9.12
CA ASP A 107 13.36 -4.78 -8.55
C ASP A 107 14.90 -4.89 -8.59
N ALA A 108 15.49 -4.21 -9.54
CA ALA A 108 16.94 -4.11 -9.68
C ALA A 108 17.32 -2.89 -10.54
N THR A 109 18.61 -2.67 -10.68
CA THR A 109 19.13 -1.53 -11.42
C THR A 109 18.86 -1.69 -12.94
N ASN A 110 19.01 -2.90 -13.48
CA ASN A 110 18.72 -3.20 -14.89
C ASN A 110 19.10 -2.06 -15.82
N THR A 111 20.30 -1.52 -15.62
CA THR A 111 20.77 -0.30 -16.28
C THR A 111 21.37 -0.42 -17.69
N THR A 112 21.56 -1.65 -18.17
CA THR A 112 22.11 -1.93 -19.52
C THR A 112 21.12 -2.56 -20.49
N ARG A 113 21.23 -2.23 -21.78
CA ARG A 113 20.30 -2.75 -22.77
C ARG A 113 20.44 -4.22 -22.81
N GLU A 114 21.66 -4.70 -22.72
CA GLU A 114 21.92 -6.13 -22.75
C GLU A 114 21.10 -6.88 -21.66
N ARG A 115 21.04 -6.31 -20.47
CA ARG A 115 20.34 -6.94 -19.36
C ARG A 115 18.82 -6.91 -19.55
N ARG A 116 18.32 -5.80 -20.09
CA ARG A 116 16.88 -5.62 -20.34
C ARG A 116 16.38 -6.50 -21.48
N HIS A 117 17.21 -6.60 -22.51
CA HIS A 117 16.99 -7.52 -23.61
C HIS A 117 16.82 -8.95 -23.08
N MET A 118 17.61 -9.34 -22.10
CA MET A 118 17.49 -10.69 -21.60
C MET A 118 16.16 -10.91 -20.84
N ILE A 119 15.71 -9.88 -20.11
CA ILE A 119 14.41 -9.90 -19.42
C ILE A 119 13.25 -9.92 -20.41
N LEU A 120 13.35 -9.08 -21.45
CA LEU A 120 12.37 -9.11 -22.53
C LEU A 120 12.25 -10.48 -23.15
N HIS A 121 13.38 -11.07 -23.47
CA HIS A 121 13.38 -12.40 -24.09
C HIS A 121 12.65 -13.36 -23.15
N PHE A 122 13.00 -13.31 -21.87
CA PHE A 122 12.28 -14.10 -20.86
C PHE A 122 10.74 -13.84 -20.82
N ALA A 123 10.34 -12.59 -20.86
CA ALA A 123 8.92 -12.25 -20.94
C ALA A 123 8.33 -12.91 -22.16
N LYS A 124 8.85 -12.56 -23.34
CA LYS A 124 8.36 -13.13 -24.59
C LYS A 124 8.23 -14.64 -24.51
N GLU A 125 9.29 -15.36 -24.18
CA GLU A 125 9.18 -16.81 -24.21
C GLU A 125 8.08 -17.30 -23.26
N ASN A 126 7.73 -16.56 -22.22
CA ASN A 126 6.67 -16.99 -21.30
C ASN A 126 5.28 -16.36 -21.53
N ASP A 127 5.17 -15.46 -22.49
CA ASP A 127 3.89 -14.84 -22.73
C ASP A 127 3.53 -13.94 -21.54
N PHE A 128 4.53 -13.23 -21.05
CA PHE A 128 4.34 -12.20 -20.02
C PHE A 128 4.47 -10.83 -20.65
N LYS A 129 3.69 -9.89 -20.19
CA LYS A 129 3.91 -8.52 -20.58
C LYS A 129 5.08 -7.98 -19.79
N ALA A 130 5.78 -7.03 -20.37
CA ALA A 130 6.81 -6.33 -19.64
C ALA A 130 6.53 -4.85 -19.65
N PHE A 131 6.70 -4.22 -18.50
CA PHE A 131 6.46 -2.79 -18.36
C PHE A 131 7.57 -2.24 -17.50
N PHE A 132 8.30 -1.26 -18.04
CA PHE A 132 9.42 -0.68 -17.38
C PHE A 132 9.12 0.60 -16.64
N ILE A 133 9.69 0.76 -15.46
CA ILE A 133 9.59 1.97 -14.69
C ILE A 133 11.03 2.41 -14.34
N GLU A 134 11.47 3.53 -14.88
CA GLU A 134 12.81 4.01 -14.68
C GLU A 134 12.71 5.27 -13.87
N SER A 135 13.51 5.35 -12.79
CA SER A 135 13.59 6.52 -11.98
C SER A 135 14.91 7.21 -12.23
N VAL A 136 14.88 8.41 -12.76
CA VAL A 136 16.06 9.20 -13.07
C VAL A 136 16.08 10.44 -12.20
N CYS A 137 17.19 10.64 -11.50
CA CYS A 137 17.46 11.87 -10.73
C CYS A 137 18.95 11.96 -10.41
N ASP A 138 19.56 13.09 -10.76
CA ASP A 138 20.98 13.31 -10.48
C ASP A 138 21.26 14.36 -9.40
N ASP A 139 20.24 14.80 -8.68
CA ASP A 139 20.42 15.71 -7.57
C ASP A 139 21.14 15.05 -6.39
N PRO A 140 22.30 15.60 -6.00
CA PRO A 140 23.08 14.94 -4.94
C PRO A 140 22.38 14.94 -3.60
N THR A 141 21.59 15.97 -3.34
CA THR A 141 20.85 16.06 -2.10
C THR A 141 19.84 14.94 -1.94
N VAL A 142 19.19 14.62 -3.05
CA VAL A 142 18.18 13.59 -3.05
C VAL A 142 18.84 12.23 -2.79
N VAL A 143 19.89 11.96 -3.55
CA VAL A 143 20.64 10.72 -3.42
C VAL A 143 21.18 10.55 -1.98
N ALA A 144 21.75 11.62 -1.43
CA ALA A 144 22.30 11.52 -0.08
C ALA A 144 21.21 11.20 0.90
N SER A 145 20.11 11.92 0.79
CA SER A 145 19.04 11.70 1.70
C SER A 145 18.64 10.24 1.60
N ASN A 146 18.60 9.71 0.39
CA ASN A 146 18.19 8.33 0.27
C ASN A 146 19.13 7.42 0.97
N ILE A 147 20.41 7.66 0.76
CA ILE A 147 21.43 6.85 1.39
C ILE A 147 21.27 6.89 2.90
N MET A 148 21.12 8.11 3.43
CA MET A 148 20.85 8.30 4.86
C MET A 148 19.58 7.59 5.37
N GLU A 149 18.46 7.73 4.67
CA GLU A 149 17.18 7.16 5.18
C GLU A 149 17.16 5.64 5.17
N VAL A 150 17.74 5.00 4.14
CA VAL A 150 17.57 3.53 3.98
C VAL A 150 18.78 2.67 3.62
N LYS A 151 19.88 3.28 3.18
CA LYS A 151 21.04 2.48 2.84
C LYS A 151 21.89 2.21 4.08
N ILE A 152 22.25 3.25 4.81
CA ILE A 152 23.15 3.08 5.96
C ILE A 152 22.60 2.10 6.99
N SER A 153 21.28 2.08 7.11
CA SER A 153 20.60 1.17 8.00
C SER A 153 20.37 -0.21 7.35
N SER A 154 20.70 -0.41 6.09
CA SER A 154 20.48 -1.72 5.49
C SER A 154 21.48 -2.77 6.05
N PRO A 155 21.16 -4.08 5.88
CA PRO A 155 22.02 -5.19 6.35
C PRO A 155 23.48 -5.15 5.85
N ASP A 156 23.65 -4.84 4.57
CA ASP A 156 24.97 -4.61 4.03
C ASP A 156 25.87 -3.79 4.95
N TYR A 157 25.32 -2.72 5.56
CA TYR A 157 26.13 -1.74 6.34
C TYR A 157 26.00 -1.90 7.88
N LYS A 158 25.81 -3.14 8.31
CA LYS A 158 25.70 -3.50 9.72
C LYS A 158 26.94 -3.05 10.52
N ASP A 159 28.10 -3.50 10.07
CA ASP A 159 29.35 -3.20 10.76
C ASP A 159 29.98 -1.91 10.29
N CYS A 160 29.17 -0.92 9.93
CA CYS A 160 29.71 0.35 9.42
C CYS A 160 29.08 1.55 10.15
N ASN A 161 29.89 2.58 10.35
CA ASN A 161 29.36 3.84 10.76
C ASN A 161 28.82 4.54 9.51
N SER A 162 28.09 5.63 9.75
CA SER A 162 27.37 6.39 8.73
C SER A 162 28.31 6.96 7.69
N ALA A 163 29.38 7.61 8.15
CA ALA A 163 30.22 8.30 7.21
C ALA A 163 30.90 7.29 6.30
N GLU A 164 31.30 6.14 6.85
CA GLU A 164 31.95 5.15 5.98
C GLU A 164 30.95 4.35 5.08
N ALA A 165 29.71 4.13 5.56
CA ALA A 165 28.63 3.65 4.69
C ALA A 165 28.27 4.61 3.56
N MET A 166 28.03 5.88 3.90
CA MET A 166 27.77 6.90 2.90
C MET A 166 28.82 6.83 1.79
N ASP A 167 30.05 6.76 2.21
CA ASP A 167 31.15 6.83 1.27
C ASP A 167 31.19 5.56 0.41
N ASP A 168 31.09 4.40 1.06
CA ASP A 168 30.99 3.18 0.30
C ASP A 168 29.83 3.25 -0.69
N PHE A 169 28.69 3.82 -0.28
CA PHE A 169 27.53 3.78 -1.17
C PHE A 169 27.74 4.68 -2.38
N MET A 170 28.38 5.84 -2.20
CA MET A 170 28.68 6.74 -3.34
C MET A 170 29.58 6.08 -4.40
N LYS A 171 30.57 5.36 -3.94
CA LYS A 171 31.47 4.69 -4.87
C LYS A 171 30.76 3.53 -5.48
N ARG A 172 29.86 2.96 -4.71
CA ARG A 172 29.04 1.87 -5.23
C ARG A 172 28.22 2.36 -6.40
N ILE A 173 27.63 3.53 -6.25
CA ILE A 173 26.83 4.10 -7.31
C ILE A 173 27.71 4.27 -8.52
N SER A 174 28.85 4.92 -8.32
CA SER A 174 29.69 5.26 -9.47
C SER A 174 30.23 4.03 -10.23
N CYS A 175 30.29 2.88 -9.58
CA CYS A 175 30.51 1.64 -10.33
C CYS A 175 29.55 1.44 -11.52
N TYR A 176 28.35 2.04 -11.47
CA TYR A 176 27.30 1.78 -12.50
C TYR A 176 27.22 2.88 -13.52
N GLU A 177 27.78 4.05 -13.19
CA GLU A 177 27.67 5.23 -14.02
C GLU A 177 28.09 4.95 -15.47
N ALA A 178 29.24 4.33 -15.66
CA ALA A 178 29.74 4.25 -17.06
C ALA A 178 28.98 3.32 -18.02
N SER A 179 28.27 2.30 -17.55
CA SER A 179 27.56 1.39 -18.47
C SER A 179 26.06 1.70 -18.50
N TYR A 180 25.62 2.69 -17.73
CA TYR A 180 24.21 3.01 -17.64
C TYR A 180 23.71 3.49 -18.98
N GLN A 181 22.75 2.78 -19.57
CA GLN A 181 22.06 3.21 -20.80
C GLN A 181 20.60 3.51 -20.50
N PRO A 182 20.24 4.80 -20.34
CA PRO A 182 18.84 5.07 -19.95
C PRO A 182 17.86 4.65 -21.00
N LEU A 183 16.60 4.49 -20.59
CA LEU A 183 15.58 4.11 -21.55
C LEU A 183 15.46 5.23 -22.59
N ASP A 184 15.41 4.83 -23.87
CA ASP A 184 15.18 5.77 -24.97
C ASP A 184 13.81 5.55 -25.64
N PRO A 185 12.76 6.23 -25.14
CA PRO A 185 11.42 6.13 -25.71
C PRO A 185 11.42 6.51 -27.18
N ASP A 186 12.10 7.62 -27.49
CA ASP A 186 12.16 8.16 -28.85
C ASP A 186 12.82 7.24 -29.87
N LYS A 187 14.11 6.95 -29.75
CA LYS A 187 14.73 6.06 -30.71
C LYS A 187 14.62 4.58 -30.32
N CYS A 188 15.63 4.05 -29.62
CA CYS A 188 15.84 2.58 -29.59
C CYS A 188 14.84 1.80 -28.72
N ASP A 189 14.10 2.46 -27.82
CA ASP A 189 13.04 1.76 -27.07
C ASP A 189 11.65 2.21 -27.49
N ARG A 190 11.51 2.65 -28.75
CA ARG A 190 10.23 3.15 -29.29
C ARG A 190 9.13 2.13 -29.04
N ASP A 191 9.43 0.84 -29.08
CA ASP A 191 8.37 -0.18 -28.97
C ASP A 191 8.15 -0.69 -27.57
N LEU A 192 8.85 -0.18 -26.56
CA LEU A 192 8.61 -0.73 -25.22
C LEU A 192 7.49 -0.03 -24.48
N SER A 193 6.78 -0.76 -23.61
CA SER A 193 5.89 -0.12 -22.66
C SER A 193 6.69 0.32 -21.46
N LEU A 194 6.67 1.61 -21.16
CA LEU A 194 7.46 2.16 -20.08
C LEU A 194 6.94 3.47 -19.56
N ILE A 195 7.44 3.81 -18.39
CA ILE A 195 7.33 5.14 -17.88
C ILE A 195 8.68 5.51 -17.32
N LYS A 196 9.21 6.63 -17.77
CA LYS A 196 10.41 7.20 -17.20
C LYS A 196 10.01 8.36 -16.28
N VAL A 197 10.48 8.32 -15.03
CA VAL A 197 10.20 9.34 -14.05
C VAL A 197 11.45 10.11 -13.72
N ILE A 198 11.31 11.44 -13.74
CA ILE A 198 12.42 12.33 -13.62
C ILE A 198 12.24 13.18 -12.38
N ASP A 199 13.27 13.21 -11.53
CA ASP A 199 13.32 14.07 -10.35
C ASP A 199 12.14 13.90 -9.43
N VAL A 200 11.84 12.67 -9.06
CA VAL A 200 10.95 12.42 -7.94
C VAL A 200 9.50 12.77 -8.32
N GLY A 201 9.12 12.39 -9.52
CA GLY A 201 7.77 12.60 -10.01
C GLY A 201 7.49 14.01 -10.51
N ARG A 202 8.50 14.81 -10.86
CA ARG A 202 8.28 16.15 -11.45
C ARG A 202 7.79 16.03 -12.88
N ARG A 203 8.41 15.13 -13.67
CA ARG A 203 8.28 15.06 -15.12
C ARG A 203 8.15 13.54 -15.38
N PHE A 204 7.33 13.15 -16.37
CA PHE A 204 7.09 11.73 -16.69
C PHE A 204 7.07 11.53 -18.16
N LEU A 205 7.48 10.34 -18.56
CA LEU A 205 7.52 9.98 -19.96
C LEU A 205 6.86 8.64 -20.16
N VAL A 206 5.74 8.64 -20.87
CA VAL A 206 4.96 7.43 -20.95
C VAL A 206 4.91 7.00 -22.39
N ASN A 207 5.16 5.70 -22.58
CA ASN A 207 5.21 5.11 -23.89
C ASN A 207 4.40 3.84 -23.88
N ARG A 208 3.45 3.76 -24.80
CA ARG A 208 2.83 2.50 -25.20
C ARG A 208 2.21 1.71 -24.07
N VAL A 209 1.31 2.36 -23.34
CA VAL A 209 0.51 1.76 -22.29
C VAL A 209 -0.39 0.67 -22.85
N GLN A 210 -0.27 -0.57 -22.39
CA GLN A 210 -0.95 -1.70 -23.02
C GLN A 210 -2.21 -2.20 -22.36
N ASP A 211 -2.45 -1.86 -21.10
CA ASP A 211 -3.67 -2.33 -20.42
C ASP A 211 -4.08 -1.42 -19.26
N HIS A 212 -5.14 -1.76 -18.55
CA HIS A 212 -5.66 -0.96 -17.45
C HIS A 212 -4.69 -0.93 -16.22
N ILE A 213 -3.95 -2.00 -16.01
CA ILE A 213 -3.01 -2.00 -14.90
C ILE A 213 -1.92 -0.95 -15.15
N GLN A 214 -1.35 -0.96 -16.34
CA GLN A 214 -0.33 0.05 -16.63
C GLN A 214 -0.88 1.46 -16.51
N SER A 215 -2.09 1.72 -16.99
CA SER A 215 -2.58 3.08 -16.87
C SER A 215 -2.91 3.40 -15.41
N ARG A 216 -3.40 2.42 -14.66
CA ARG A 216 -3.57 2.57 -13.21
C ARG A 216 -2.29 2.91 -12.47
N ILE A 217 -1.27 2.14 -12.78
CA ILE A 217 0.01 2.35 -12.17
C ILE A 217 0.50 3.78 -12.44
N VAL A 218 0.33 4.27 -13.67
CA VAL A 218 0.74 5.64 -13.94
C VAL A 218 -0.09 6.67 -13.17
N TYR A 219 -1.40 6.42 -13.12
CA TYR A 219 -2.29 7.37 -12.43
C TYR A 219 -1.82 7.45 -10.99
N TYR A 220 -1.54 6.28 -10.42
CA TYR A 220 -1.10 6.17 -9.02
C TYR A 220 0.18 6.93 -8.82
N LEU A 221 1.15 6.69 -9.68
CA LEU A 221 2.41 7.41 -9.58
C LEU A 221 2.22 8.89 -9.76
N MET A 222 1.21 9.32 -10.52
CA MET A 222 0.97 10.75 -10.61
C MET A 222 0.30 11.32 -9.39
N ASN A 223 -0.20 10.48 -8.49
CA ASN A 223 -0.83 11.01 -7.28
C ASN A 223 -0.01 10.97 -6.00
N ILE A 224 1.02 10.13 -5.95
CA ILE A 224 1.86 10.08 -4.77
C ILE A 224 2.93 11.14 -4.71
N HIS A 225 3.40 11.43 -3.52
CA HIS A 225 4.49 12.34 -3.31
C HIS A 225 5.32 11.86 -2.09
N VAL A 226 6.41 12.57 -1.80
CA VAL A 226 7.31 12.21 -0.72
C VAL A 226 7.53 13.36 0.28
N GLN A 227 6.70 14.38 0.21
CA GLN A 227 6.70 15.47 1.17
C GLN A 227 6.34 14.94 2.57
N PRO A 228 6.97 15.51 3.62
CA PRO A 228 6.59 15.07 4.98
C PRO A 228 5.14 15.41 5.30
N ARG A 229 4.49 14.54 6.06
CA ARG A 229 3.12 14.75 6.47
C ARG A 229 2.66 13.67 7.43
N THR A 230 1.42 13.84 7.91
CA THR A 230 0.83 12.97 8.89
C THR A 230 -0.62 12.71 8.54
N ILE A 231 -1.08 11.48 8.80
CA ILE A 231 -2.42 11.02 8.56
C ILE A 231 -2.95 10.47 9.85
N TYR A 232 -4.13 10.93 10.22
CA TYR A 232 -4.75 10.55 11.47
C TYR A 232 -6.01 9.81 11.05
N LEU A 233 -6.29 8.68 11.66
CA LEU A 233 -7.49 7.97 11.40
C LEU A 233 -8.18 7.73 12.72
N CYS A 234 -9.48 7.96 12.77
CA CYS A 234 -10.24 7.55 13.95
C CYS A 234 -11.64 7.27 13.57
N ARG A 235 -12.39 6.72 14.52
CA ARG A 235 -13.82 6.48 14.33
C ARG A 235 -14.63 7.63 14.88
N HIS A 236 -15.90 7.65 14.52
CA HIS A 236 -16.87 8.49 15.22
C HIS A 236 -16.76 8.20 16.74
N GLY A 237 -17.06 9.22 17.54
CA GLY A 237 -17.35 9.00 18.95
C GLY A 237 -18.45 7.97 19.13
N GLU A 238 -18.52 7.38 20.32
CA GLU A 238 -19.47 6.34 20.61
C GLU A 238 -20.85 6.85 20.24
N ASN A 239 -21.69 5.99 19.68
CA ASN A 239 -23.03 6.42 19.32
C ASN A 239 -24.02 5.50 19.96
N GLU A 240 -25.31 5.83 19.84
CA GLU A 240 -26.36 5.07 20.54
C GLU A 240 -26.48 3.59 20.07
N HIS A 241 -26.20 3.32 18.80
CA HIS A 241 -26.17 1.94 18.32
C HIS A 241 -25.03 1.13 19.02
N ASN A 242 -23.88 1.77 19.22
CA ASN A 242 -22.81 1.17 19.98
C ASN A 242 -23.26 0.73 21.36
N LEU A 243 -23.91 1.65 22.07
CA LEU A 243 -24.44 1.34 23.40
C LEU A 243 -25.36 0.18 23.43
N GLN A 244 -26.12 -0.04 22.38
CA GLN A 244 -27.04 -1.14 22.35
C GLN A 244 -26.45 -2.36 21.67
N GLY A 245 -25.17 -2.35 21.31
CA GLY A 245 -24.57 -3.45 20.50
C GLY A 245 -25.17 -3.65 19.10
N ARG A 246 -25.79 -2.63 18.51
CA ARG A 246 -26.46 -2.81 17.20
C ARG A 246 -25.54 -2.32 16.06
N ILE A 247 -25.48 -3.07 14.97
CA ILE A 247 -24.61 -2.68 13.85
C ILE A 247 -25.32 -1.78 12.86
N GLY A 248 -24.52 -1.13 12.03
CA GLY A 248 -25.03 -0.19 11.04
C GLY A 248 -25.91 0.91 11.64
N GLY A 249 -26.96 1.29 10.88
CA GLY A 249 -27.83 2.40 11.24
C GLY A 249 -27.13 3.73 11.16
N ASP A 250 -27.75 4.77 11.69
CA ASP A 250 -27.25 6.15 11.57
C ASP A 250 -27.60 6.99 12.82
N SER A 251 -27.23 6.47 14.00
CA SER A 251 -27.46 7.14 15.28
C SER A 251 -26.47 8.22 15.54
N GLY A 252 -26.79 9.08 16.48
CA GLY A 252 -25.90 10.16 16.89
C GLY A 252 -25.10 9.73 18.10
N LEU A 253 -24.20 10.61 18.47
CA LEU A 253 -23.30 10.37 19.57
C LEU A 253 -24.04 10.25 20.91
N SER A 254 -23.56 9.33 21.73
CA SER A 254 -23.82 9.31 23.18
C SER A 254 -23.13 10.48 23.89
N SER A 255 -23.33 10.57 25.21
CA SER A 255 -22.65 11.66 25.98
C SER A 255 -21.14 11.46 26.00
N ARG A 256 -20.71 10.21 25.97
CA ARG A 256 -19.29 9.84 25.86
C ARG A 256 -18.73 10.11 24.45
N GLY A 257 -19.51 9.76 23.44
CA GLY A 257 -19.22 10.24 22.08
C GLY A 257 -18.94 11.75 22.07
N LYS A 258 -19.77 12.53 22.75
CA LYS A 258 -19.56 13.97 22.73
C LYS A 258 -18.28 14.34 23.45
N LYS A 259 -18.00 13.65 24.56
CA LYS A 259 -16.77 13.94 25.29
C LYS A 259 -15.56 13.60 24.41
N PHE A 260 -15.63 12.45 23.73
CA PHE A 260 -14.56 12.16 22.77
C PHE A 260 -14.32 13.28 21.73
N ALA A 261 -15.40 13.80 21.16
CA ALA A 261 -15.26 14.85 20.16
C ALA A 261 -14.52 15.99 20.78
N SER A 262 -14.97 16.44 21.96
CA SER A 262 -14.24 17.51 22.69
C SER A 262 -12.74 17.20 22.82
N ALA A 263 -12.43 15.98 23.25
CA ALA A 263 -11.05 15.57 23.45
C ALA A 263 -10.32 15.66 22.13
N LEU A 264 -10.94 15.10 21.09
CA LEU A 264 -10.31 15.10 19.78
C LEU A 264 -9.98 16.49 19.29
N SER A 265 -10.82 17.47 19.56
CA SER A 265 -10.45 18.86 19.21
C SER A 265 -9.21 19.33 19.96
N LYS A 266 -9.07 18.89 21.22
CA LYS A 266 -7.98 19.34 22.08
C LYS A 266 -6.73 18.69 21.54
N PHE A 267 -6.84 17.38 21.28
CA PHE A 267 -5.70 16.65 20.75
C PHE A 267 -5.20 17.22 19.42
N VAL A 268 -6.13 17.64 18.57
CA VAL A 268 -5.79 18.18 17.24
C VAL A 268 -5.11 19.51 17.35
N GLU A 269 -5.56 20.33 18.30
CA GLU A 269 -4.92 21.62 18.58
C GLU A 269 -3.48 21.39 19.04
N GLU A 270 -3.32 20.57 20.06
CA GLU A 270 -2.01 20.24 20.54
C GLU A 270 -1.11 19.61 19.49
N GLN A 271 -1.64 18.98 18.46
CA GLN A 271 -0.79 18.45 17.37
C GLN A 271 -0.08 19.57 16.60
N ASN A 272 -0.66 20.76 16.60
CA ASN A 272 0.01 21.94 16.07
C ASN A 272 0.38 21.79 14.60
N LEU A 273 -0.63 21.59 13.76
CA LEU A 273 -0.40 21.42 12.32
C LEU A 273 -0.65 22.74 11.60
N LYS A 274 0.28 23.11 10.71
CA LYS A 274 0.10 24.30 9.84
C LYS A 274 -1.25 24.19 9.10
N ASP A 275 -1.47 23.05 8.43
CA ASP A 275 -2.70 22.80 7.66
C ASP A 275 -3.27 21.46 8.01
N LEU A 276 -4.58 21.30 7.85
CA LEU A 276 -5.18 19.99 8.16
C LEU A 276 -6.51 19.72 7.48
N ARG A 277 -6.59 18.72 6.61
CA ARG A 277 -7.88 18.41 6.02
C ARG A 277 -8.63 17.48 6.93
N VAL A 278 -9.94 17.61 6.96
CA VAL A 278 -10.78 16.70 7.73
C VAL A 278 -11.91 16.09 6.86
N TRP A 279 -12.01 14.76 6.88
CA TRP A 279 -12.94 14.07 6.05
C TRP A 279 -13.75 13.21 6.96
N THR A 280 -15.04 13.08 6.67
CA THR A 280 -15.94 12.21 7.41
C THR A 280 -16.73 11.41 6.41
N SER A 281 -17.52 10.48 6.93
CA SER A 281 -18.54 9.82 6.18
C SER A 281 -19.75 10.76 6.07
N GLN A 282 -20.85 10.23 5.54
CA GLN A 282 -22.14 10.94 5.47
C GLN A 282 -23.08 10.54 6.57
N LEU A 283 -22.64 9.63 7.42
CA LEU A 283 -23.39 9.23 8.58
C LEU A 283 -23.21 10.21 9.76
N LYS A 284 -24.26 10.32 10.56
CA LYS A 284 -24.40 11.42 11.53
C LYS A 284 -23.26 11.49 12.52
N SER A 285 -22.86 10.31 13.01
CA SER A 285 -21.90 10.25 14.08
C SER A 285 -20.51 10.80 13.72
N THR A 286 -20.02 10.54 12.51
CA THR A 286 -18.73 11.08 12.11
C THR A 286 -18.83 12.57 11.99
N ILE A 287 -20.00 13.07 11.60
CA ILE A 287 -20.15 14.50 11.31
C ILE A 287 -20.22 15.29 12.61
N GLN A 288 -20.99 14.81 13.59
CA GLN A 288 -20.99 15.45 14.95
C GLN A 288 -19.58 15.49 15.51
N THR A 289 -18.90 14.36 15.37
CA THR A 289 -17.55 14.29 15.80
C THR A 289 -16.77 15.41 15.17
N ALA A 290 -16.84 15.53 13.86
CA ALA A 290 -16.09 16.60 13.16
C ALA A 290 -16.56 17.99 13.55
N GLU A 291 -17.86 18.15 13.84
CA GLU A 291 -18.38 19.47 14.20
C GLU A 291 -17.69 20.04 15.42
N ALA A 292 -17.29 19.17 16.35
CA ALA A 292 -16.65 19.62 17.58
C ALA A 292 -15.35 20.30 17.32
N LEU A 293 -14.73 19.99 16.18
CA LEU A 293 -13.38 20.51 15.87
C LEU A 293 -13.37 21.98 15.45
N ARG A 294 -14.52 22.55 15.12
CA ARG A 294 -14.51 23.86 14.51
C ARG A 294 -13.48 23.95 13.37
N LEU A 295 -13.51 23.00 12.44
CA LEU A 295 -12.64 23.10 11.23
C LEU A 295 -13.45 22.77 10.03
N PRO A 296 -13.05 23.28 8.85
CA PRO A 296 -13.64 22.77 7.57
C PRO A 296 -13.50 21.24 7.43
N TYR A 297 -14.59 20.57 7.10
CA TYR A 297 -14.55 19.16 6.76
C TYR A 297 -15.40 18.83 5.51
N GLU A 298 -15.17 17.67 4.92
CA GLU A 298 -15.80 17.29 3.69
C GLU A 298 -16.35 15.91 3.94
N GLN A 299 -17.60 15.68 3.56
CA GLN A 299 -18.22 14.38 3.73
C GLN A 299 -18.01 13.59 2.47
N TRP A 300 -18.00 12.28 2.57
CA TRP A 300 -17.70 11.40 1.46
C TRP A 300 -18.55 10.18 1.69
N LYS A 301 -19.52 9.89 0.83
CA LYS A 301 -20.26 8.67 0.94
C LYS A 301 -19.38 7.43 0.97
N ALA A 302 -18.28 7.43 0.25
CA ALA A 302 -17.32 6.30 0.27
C ALA A 302 -16.83 5.88 1.69
N LEU A 303 -16.80 6.81 2.65
CA LEU A 303 -16.38 6.55 4.03
C LEU A 303 -17.49 5.94 4.93
N ASN A 304 -18.70 5.85 4.41
CA ASN A 304 -19.80 5.22 5.12
C ASN A 304 -19.46 3.80 5.53
N GLU A 305 -19.94 3.38 6.68
CA GLU A 305 -19.65 2.04 7.15
C GLU A 305 -20.16 1.01 6.18
N ILE A 306 -19.57 -0.18 6.23
CA ILE A 306 -20.09 -1.34 5.55
C ILE A 306 -21.61 -1.48 5.74
N ASP A 307 -22.28 -1.89 4.67
CA ASP A 307 -23.71 -2.02 4.63
C ASP A 307 -23.99 -3.43 5.00
N ALA A 308 -24.73 -3.62 6.09
CA ALA A 308 -25.08 -4.98 6.54
C ALA A 308 -26.38 -5.57 5.96
N GLY A 309 -26.95 -4.95 4.92
CA GLY A 309 -28.08 -5.51 4.21
C GLY A 309 -29.25 -5.71 5.15
N VAL A 310 -29.85 -6.90 5.07
CA VAL A 310 -30.96 -7.26 5.98
C VAL A 310 -30.57 -7.30 7.47
N CYS A 311 -29.28 -7.28 7.79
CA CYS A 311 -28.88 -7.31 9.19
C CYS A 311 -28.61 -5.92 9.73
N GLU A 312 -28.89 -4.86 8.94
CA GLU A 312 -28.74 -3.50 9.50
C GLU A 312 -29.61 -3.25 10.76
N GLU A 313 -29.03 -2.62 11.77
CA GLU A 313 -29.70 -2.31 13.05
C GLU A 313 -29.85 -3.52 14.00
N LEU A 314 -29.51 -4.72 13.57
CA LEU A 314 -29.54 -5.91 14.43
C LEU A 314 -28.33 -5.95 15.36
N THR A 315 -28.49 -6.61 16.51
CA THR A 315 -27.34 -6.95 17.36
C THR A 315 -26.78 -8.20 16.77
N TYR A 316 -25.52 -8.49 17.10
CA TYR A 316 -24.91 -9.77 16.69
C TYR A 316 -25.69 -10.98 17.24
N GLU A 317 -26.10 -10.92 18.51
CA GLU A 317 -27.04 -11.92 19.07
C GLU A 317 -28.30 -12.13 18.18
N GLU A 318 -29.05 -11.05 17.96
CA GLU A 318 -30.14 -11.06 16.97
C GLU A 318 -29.74 -11.71 15.63
N ILE A 319 -28.55 -11.41 15.11
CA ILE A 319 -28.11 -12.01 13.83
C ILE A 319 -27.92 -13.53 13.91
N ARG A 320 -27.16 -13.98 14.89
CA ARG A 320 -26.96 -15.40 15.12
C ARG A 320 -28.29 -16.10 15.38
N ASP A 321 -29.19 -15.46 16.10
CA ASP A 321 -30.49 -16.10 16.40
C ASP A 321 -31.35 -16.20 15.16
N THR A 322 -31.32 -15.17 14.33
CA THR A 322 -32.20 -15.07 13.18
C THR A 322 -31.64 -15.68 11.91
N TYR A 323 -30.35 -15.46 11.65
CA TYR A 323 -29.72 -15.95 10.42
C TYR A 323 -28.51 -16.80 10.77
N PRO A 324 -28.72 -17.88 11.53
CA PRO A 324 -27.58 -18.68 12.02
C PRO A 324 -26.55 -19.10 10.93
N GLU A 325 -27.05 -19.50 9.76
CA GLU A 325 -26.16 -19.93 8.69
C GLU A 325 -25.31 -18.74 8.19
N GLU A 326 -25.88 -17.53 8.18
CA GLU A 326 -25.19 -16.33 7.71
C GLU A 326 -24.10 -15.92 8.64
N TYR A 327 -24.41 -15.99 9.94
CA TYR A 327 -23.44 -15.72 11.02
C TYR A 327 -22.23 -16.64 10.92
N ALA A 328 -22.49 -17.94 10.77
CA ALA A 328 -21.40 -18.91 10.66
C ALA A 328 -20.51 -18.54 9.48
N LEU A 329 -21.15 -18.29 8.33
CA LEU A 329 -20.43 -17.97 7.10
C LEU A 329 -19.55 -16.74 7.27
N ARG A 330 -20.10 -15.69 7.86
CA ARG A 330 -19.30 -14.51 8.07
C ARG A 330 -18.08 -14.81 8.93
N GLU A 331 -18.27 -15.61 9.97
CA GLU A 331 -17.15 -16.05 10.81
C GLU A 331 -16.14 -16.95 10.06
N GLN A 332 -16.58 -17.77 9.13
CA GLN A 332 -15.60 -18.55 8.37
C GLN A 332 -14.75 -17.73 7.41
N ASP A 333 -15.37 -16.78 6.68
CA ASP A 333 -14.69 -16.06 5.58
C ASP A 333 -15.05 -14.58 5.59
N LYS A 334 -14.58 -13.89 6.61
CA LYS A 334 -15.05 -12.55 6.94
C LYS A 334 -14.69 -11.41 5.96
N TYR A 335 -13.72 -11.64 5.08
CA TYR A 335 -13.32 -10.61 4.13
C TYR A 335 -14.24 -10.65 2.93
N TYR A 336 -14.46 -11.86 2.43
CA TYR A 336 -15.24 -12.14 1.21
C TYR A 336 -16.77 -12.24 1.42
N TYR A 337 -17.18 -12.55 2.63
CA TYR A 337 -18.59 -12.63 2.96
C TYR A 337 -19.34 -11.34 2.71
N ARG A 338 -20.37 -11.42 1.89
CA ARG A 338 -21.25 -10.29 1.64
C ARG A 338 -22.50 -10.51 2.47
N TYR A 339 -22.91 -9.52 3.23
CA TYR A 339 -24.23 -9.57 3.84
C TYR A 339 -25.33 -9.59 2.77
N PRO A 340 -26.49 -10.23 3.04
CA PRO A 340 -27.60 -10.28 2.08
C PRO A 340 -28.20 -8.90 1.74
N THR A 341 -28.12 -8.57 0.46
CA THR A 341 -28.43 -7.23 -0.07
C THR A 341 -27.40 -6.19 0.39
N GLY A 342 -26.23 -6.63 0.83
CA GLY A 342 -25.28 -5.73 1.49
C GLY A 342 -23.86 -5.94 1.02
N GLU A 343 -22.90 -5.56 1.85
CA GLU A 343 -21.50 -5.52 1.38
C GLU A 343 -20.57 -6.56 2.01
N SER A 344 -19.40 -6.71 1.39
CA SER A 344 -18.25 -7.37 2.00
C SER A 344 -17.11 -6.38 2.13
N TYR A 345 -16.10 -6.74 2.93
CA TYR A 345 -14.87 -5.93 3.06
C TYR A 345 -14.25 -5.71 1.66
N GLN A 346 -14.29 -6.75 0.84
CA GLN A 346 -13.83 -6.63 -0.54
C GLN A 346 -14.55 -5.49 -1.30
N ASP A 347 -15.88 -5.44 -1.22
CA ASP A 347 -16.63 -4.27 -1.68
C ASP A 347 -16.13 -2.97 -1.10
N LEU A 348 -15.84 -2.94 0.19
CA LEU A 348 -15.29 -1.73 0.78
C LEU A 348 -14.11 -1.16 0.01
N VAL A 349 -13.21 -2.04 -0.38
CA VAL A 349 -11.98 -1.64 -0.98
C VAL A 349 -12.28 -0.91 -2.25
N GLN A 350 -13.14 -1.52 -3.06
CA GLN A 350 -13.58 -0.94 -4.30
C GLN A 350 -13.99 0.48 -4.10
N ARG A 351 -14.80 0.78 -3.09
CA ARG A 351 -15.28 2.16 -3.02
C ARG A 351 -14.36 3.03 -2.22
N LEU A 352 -13.38 2.43 -1.56
CA LEU A 352 -12.43 3.22 -0.79
C LEU A 352 -11.16 3.61 -1.57
N GLU A 353 -10.98 2.99 -2.74
CA GLU A 353 -9.81 3.25 -3.56
C GLU A 353 -9.71 4.71 -3.97
N PRO A 354 -10.83 5.34 -4.37
CA PRO A 354 -10.68 6.77 -4.64
C PRO A 354 -10.27 7.55 -3.41
N VAL A 355 -10.70 7.09 -2.23
CA VAL A 355 -10.27 7.70 -0.96
C VAL A 355 -8.77 7.57 -0.73
N ILE A 356 -8.26 6.36 -0.90
CA ILE A 356 -6.83 6.15 -0.88
C ILE A 356 -6.13 7.07 -1.86
N MET A 357 -6.70 7.16 -3.05
CA MET A 357 -6.08 7.88 -4.13
C MET A 357 -6.05 9.36 -3.76
N GLU A 358 -7.10 9.90 -3.18
CA GLU A 358 -6.96 11.28 -2.71
C GLU A 358 -5.97 11.38 -1.51
N LEU A 359 -6.00 10.43 -0.57
CA LEU A 359 -5.14 10.54 0.59
C LEU A 359 -3.73 10.75 0.15
N GLU A 360 -3.28 9.99 -0.86
CA GLU A 360 -1.91 10.10 -1.35
C GLU A 360 -1.55 11.51 -1.79
N ARG A 361 -2.50 12.23 -2.38
CA ARG A 361 -2.23 13.57 -2.90
C ARG A 361 -2.07 14.60 -1.78
N GLN A 362 -2.70 14.33 -0.64
CA GLN A 362 -2.77 15.29 0.46
C GLN A 362 -1.51 15.37 1.31
N GLU A 363 -1.49 16.35 2.22
CA GLU A 363 -0.47 16.42 3.25
C GLU A 363 -1.10 15.90 4.56
N ASN A 364 -1.50 16.79 5.45
CA ASN A 364 -2.06 16.36 6.72
C ASN A 364 -3.53 16.13 6.59
N VAL A 365 -4.00 14.96 7.06
CA VAL A 365 -5.40 14.60 6.94
C VAL A 365 -5.91 13.83 8.14
N LEU A 366 -7.07 14.24 8.62
CA LEU A 366 -7.76 13.48 9.59
C LEU A 366 -8.99 12.89 8.97
N VAL A 367 -9.12 11.58 9.04
CA VAL A 367 -10.25 10.88 8.50
C VAL A 367 -11.02 10.31 9.68
N ILE A 368 -12.28 10.71 9.85
CA ILE A 368 -13.11 10.25 10.93
C ILE A 368 -14.13 9.32 10.31
N CYS A 369 -14.12 8.04 10.68
CA CYS A 369 -14.90 7.07 9.93
C CYS A 369 -15.51 5.98 10.82
N HIS A 370 -15.50 4.73 10.38
CA HIS A 370 -16.22 3.66 11.07
C HIS A 370 -15.33 2.44 11.10
N GLN A 371 -15.69 1.46 11.92
CA GLN A 371 -14.84 0.33 12.19
C GLN A 371 -14.30 -0.41 10.95
N ALA A 372 -15.19 -1.05 10.22
CA ALA A 372 -14.77 -1.84 9.08
C ALA A 372 -13.99 -0.95 8.06
N VAL A 373 -14.49 0.22 7.80
CA VAL A 373 -13.83 1.13 6.89
C VAL A 373 -12.43 1.41 7.39
N LEU A 374 -12.27 1.62 8.68
CA LEU A 374 -10.97 2.01 9.24
C LEU A 374 -9.97 0.88 9.06
N ARG A 375 -10.42 -0.33 9.37
CA ARG A 375 -9.63 -1.51 9.16
C ARG A 375 -9.13 -1.51 7.75
N CYS A 376 -10.06 -1.28 6.84
CA CYS A 376 -9.73 -1.42 5.45
C CYS A 376 -8.69 -0.35 5.06
N LEU A 377 -8.85 0.88 5.50
CA LEU A 377 -7.82 1.87 5.22
C LEU A 377 -6.47 1.50 5.86
N LEU A 378 -6.56 1.10 7.13
CA LEU A 378 -5.38 0.78 7.92
C LEU A 378 -4.55 -0.31 7.24
N ALA A 379 -5.23 -1.29 6.67
CA ALA A 379 -4.56 -2.39 5.99
C ALA A 379 -3.79 -1.90 4.78
N TYR A 380 -4.35 -0.93 4.04
CA TYR A 380 -3.64 -0.39 2.90
C TYR A 380 -2.34 0.17 3.38
N PHE A 381 -2.44 0.99 4.42
CA PHE A 381 -1.29 1.71 4.92
C PHE A 381 -0.24 0.81 5.62
N LEU A 382 -0.67 -0.19 6.36
CA LEU A 382 0.28 -1.06 7.04
C LEU A 382 0.53 -2.33 6.25
N ASP A 383 0.08 -2.37 5.00
CA ASP A 383 0.31 -3.52 4.14
C ASP A 383 -0.17 -4.82 4.81
N LYS A 384 -1.42 -4.88 5.24
CA LYS A 384 -1.97 -6.09 5.83
C LYS A 384 -2.80 -6.81 4.79
N SER A 385 -2.79 -8.12 4.86
CA SER A 385 -3.42 -8.95 3.89
C SER A 385 -4.96 -8.89 4.10
N ALA A 386 -5.71 -9.22 3.06
CA ALA A 386 -7.15 -9.43 3.16
C ALA A 386 -7.61 -10.35 4.36
N GLU A 387 -6.94 -11.47 4.64
CA GLU A 387 -7.39 -12.36 5.74
C GLU A 387 -7.31 -11.66 7.08
N GLU A 388 -6.28 -10.83 7.27
CA GLU A 388 -6.07 -10.07 8.53
C GLU A 388 -6.97 -8.84 8.65
N MET A 389 -7.28 -8.22 7.51
CA MET A 389 -7.87 -6.88 7.50
C MET A 389 -9.12 -6.75 8.38
N PRO A 390 -10.07 -7.69 8.28
CA PRO A 390 -11.26 -7.62 9.12
C PRO A 390 -11.10 -7.91 10.61
N TYR A 391 -9.90 -8.25 11.09
CA TYR A 391 -9.65 -8.37 12.55
C TYR A 391 -8.68 -7.34 13.11
N LEU A 392 -8.28 -6.34 12.34
CA LEU A 392 -7.39 -5.31 12.91
C LEU A 392 -8.11 -4.52 14.01
N LYS A 393 -7.37 -4.02 15.00
CA LYS A 393 -7.99 -3.48 16.21
C LYS A 393 -8.12 -2.01 16.05
N CYS A 394 -9.35 -1.48 16.09
CA CYS A 394 -9.57 -0.07 15.81
C CYS A 394 -10.48 0.48 16.86
N PRO A 395 -10.00 0.54 18.09
CA PRO A 395 -10.95 0.85 19.15
C PRO A 395 -11.53 2.25 19.05
N LEU A 396 -12.67 2.44 19.68
CA LEU A 396 -13.24 3.75 19.78
C LEU A 396 -12.36 4.66 20.54
N HIS A 397 -12.64 5.93 20.40
CA HIS A 397 -11.97 7.01 21.08
C HIS A 397 -10.45 6.94 21.05
N THR A 398 -9.94 6.32 20.00
CA THR A 398 -8.50 6.14 19.78
C THR A 398 -8.05 6.63 18.39
N VAL A 399 -7.08 7.52 18.36
CA VAL A 399 -6.51 8.07 17.14
C VAL A 399 -5.27 7.29 16.69
N LEU A 400 -5.26 6.87 15.43
CA LEU A 400 -4.12 6.22 14.85
C LEU A 400 -3.37 7.27 14.05
N LYS A 401 -2.15 7.58 14.47
CA LYS A 401 -1.25 8.51 13.80
C LYS A 401 -0.25 7.73 12.92
N LEU A 402 -0.16 8.09 11.65
CA LEU A 402 0.61 7.37 10.63
C LEU A 402 1.53 8.39 10.01
N THR A 403 2.83 8.13 10.11
CA THR A 403 3.84 9.01 9.57
C THR A 403 4.70 8.12 8.68
N PRO A 404 5.16 8.67 7.55
CA PRO A 404 6.01 7.88 6.69
C PRO A 404 7.43 7.85 7.26
N VAL A 405 8.04 6.68 7.32
CA VAL A 405 9.40 6.60 7.74
C VAL A 405 10.06 5.64 6.81
N ALA A 406 11.16 6.09 6.21
CA ALA A 406 11.98 5.21 5.40
C ALA A 406 11.09 4.59 4.28
N TYR A 407 10.97 3.27 4.27
CA TYR A 407 10.24 2.55 3.23
C TYR A 407 8.71 2.41 3.48
N GLY A 408 8.22 2.65 4.71
CA GLY A 408 6.80 2.41 5.06
C GLY A 408 6.22 3.44 6.02
N CYS A 409 5.26 3.04 6.86
CA CYS A 409 4.55 3.93 7.81
C CYS A 409 4.82 3.49 9.24
N ARG A 410 5.11 4.45 10.11
CA ARG A 410 5.02 4.22 11.53
C ARG A 410 3.55 4.44 11.89
N VAL A 411 3.04 3.62 12.80
CA VAL A 411 1.73 3.88 13.41
C VAL A 411 1.86 4.12 14.92
N GLU A 412 1.28 5.18 15.43
CA GLU A 412 1.18 5.39 16.86
C GLU A 412 -0.29 5.45 17.22
N SER A 413 -0.64 4.84 18.34
CA SER A 413 -1.96 4.92 18.88
C SER A 413 -2.02 6.01 19.96
N ILE A 414 -3.12 6.75 20.01
CA ILE A 414 -3.34 7.77 21.04
C ILE A 414 -4.80 7.67 21.53
N TYR A 415 -5.00 6.91 22.61
CA TYR A 415 -6.28 6.83 23.27
C TYR A 415 -6.52 8.16 24.00
N LEU A 416 -7.70 8.76 23.85
CA LEU A 416 -7.93 10.07 24.47
C LEU A 416 -8.75 10.02 25.78
N ASN A 417 -8.68 8.88 26.46
CA ASN A 417 -9.17 8.77 27.80
C ASN A 417 -10.62 9.16 27.94
N VAL A 418 -11.46 8.55 27.13
CA VAL A 418 -12.90 8.69 27.29
C VAL A 418 -13.46 7.31 27.12
N GLU A 419 -14.28 6.90 28.05
CA GLU A 419 -14.74 5.53 28.04
C GLU A 419 -15.66 5.24 26.87
N SER A 420 -15.72 3.98 26.50
CA SER A 420 -16.69 3.50 25.56
C SER A 420 -16.83 1.97 25.67
N VAL A 421 -17.88 1.42 25.10
CA VAL A 421 -17.94 -0.01 24.85
C VAL A 421 -16.79 -0.44 23.94
N CYS A 422 -16.69 -1.76 23.72
CA CYS A 422 -15.73 -2.40 22.79
C CYS A 422 -16.47 -3.06 21.66
N THR A 423 -16.17 -2.68 20.43
CA THR A 423 -16.91 -3.28 19.31
C THR A 423 -16.11 -4.37 18.61
N HIS A 424 -14.89 -4.64 19.10
CA HIS A 424 -14.00 -5.63 18.49
C HIS A 424 -14.47 -7.02 18.78
N ARG A 425 -14.34 -7.90 17.79
CA ARG A 425 -14.72 -9.28 17.93
C ARG A 425 -13.66 -10.17 17.22
N GLU A 426 -12.94 -10.97 18.03
CA GLU A 426 -11.76 -11.77 17.59
C GLU A 426 -12.19 -12.92 16.66
N ARG A 427 -11.21 -13.52 15.97
CA ARG A 427 -11.46 -14.65 15.05
C ARG A 427 -11.94 -15.90 15.81
N SER A 428 -12.96 -16.60 15.30
CA SER A 428 -13.28 -17.94 15.81
C SER A 428 -12.69 -19.02 14.88
CAH HAK B . 9.15 9.33 -6.61
CAI HAK B . 8.11 9.21 -7.47
NAT HAK B . 6.91 9.79 -7.49
CAU HAK B . 6.40 10.75 -6.51
CAS HAK B . 6.24 9.33 -8.54
CAR HAK B . 7.02 8.46 -9.20
CAJ HAK B . 8.17 8.38 -8.53
CAK HAK B . 9.27 7.67 -8.77
CAL HAK B . 10.35 7.74 -7.92
CAG HAK B . 10.31 8.58 -6.81
CAC HAK B . 11.41 8.65 -5.91
CAB HAK B . 11.18 8.32 -4.57
CAD HAK B . 12.72 8.97 -6.31
NAP HAK B . 13.00 9.26 -7.60
CAO HAK B . 14.30 9.58 -7.97
CAN HAK B . 15.29 9.58 -7.01
NAM HAK B . 14.99 9.27 -5.67
CAE HAK B . 13.74 8.98 -5.31
CAF HAK B . 13.49 8.69 -3.97
CAA HAK B . 12.19 8.33 -3.58
NAQ HAK B . 11.77 8.08 -2.32
CAV HAK B . 12.48 7.42 -1.39
CBA HAK B . 13.52 6.57 -1.74
NAZ HAK B . 14.23 5.86 -0.79
CAY HAK B . 13.85 5.96 0.53
CAX HAK B . 12.80 6.80 0.88
CAW HAK B . 12.08 7.55 -0.05
CBB HAK B . 11.01 8.38 0.38
OBD HAK B . 10.22 8.84 -0.42
NBC HAK B . 10.89 8.60 1.70
CBE HAK B . 9.94 9.40 2.20
CBF HAK B . 10.37 10.33 3.16
NBG HAK B . 9.47 11.17 3.77
CBH HAK B . 8.13 11.12 3.41
NBI HAK B . 7.67 10.19 2.47
CBJ HAK B . 8.59 9.31 1.89
P1 POP C . 17.18 2.00 -5.02
O1 POP C . 18.62 1.78 -4.68
O2 POP C . 16.27 0.81 -4.76
O3 POP C . 17.03 2.62 -6.40
O POP C . 16.71 3.22 -4.05
P2 POP C . 15.90 3.02 -2.65
O4 POP C . 16.57 1.75 -2.07
O5 POP C . 14.43 2.73 -2.89
O6 POP C . 16.09 4.35 -1.95
CAC FLC D . 21.47 -4.15 -8.90
CA FLC D . 22.25 -4.58 -7.71
CB FLC D . 21.98 -6.04 -7.58
CBC FLC D . 22.32 -6.76 -8.91
CG FLC D . 22.73 -6.50 -6.32
CGC FLC D . 22.50 -5.65 -5.06
OA1 FLC D . 22.16 -3.94 -9.92
OA2 FLC D . 20.20 -4.07 -8.80
OB1 FLC D . 23.37 -6.65 -9.51
OB2 FLC D . 21.49 -7.45 -9.51
OG1 FLC D . 23.03 -6.08 -4.05
OG2 FLC D . 21.81 -4.63 -4.90
OHB FLC D . 20.57 -6.14 -7.33
O1 F6P E . -20.26 -1.98 15.69
C1 F6P E . -19.76 -0.81 15.03
C2 F6P E . -19.60 -1.14 13.54
O2 F6P E . -18.96 0.03 12.97
C3 F6P E . -20.90 -1.58 12.86
O3 F6P E . -21.73 -0.53 12.41
C4 F6P E . -20.42 -2.43 11.71
O4 F6P E . -21.48 -3.20 11.16
C5 F6P E . -19.36 -3.24 12.42
O5 F6P E . -18.80 -2.33 13.33
C6 F6P E . -18.25 -3.78 11.58
O6 F6P E . -17.39 -4.64 12.35
P F6P E . -17.39 -6.20 11.93
O1P F6P E . -16.41 -6.79 12.90
O2P F6P E . -17.03 -6.31 10.47
O3P F6P E . -18.86 -6.58 12.16
S DMS F . 13.67 12.61 -0.46
O DMS F . 13.30 11.61 -1.49
C1 DMS F . 13.38 14.17 -1.12
C2 DMS F . 12.56 12.52 0.86
#